data_7YZH
#
_entry.id   7YZH
#
_cell.length_a   103.830
_cell.length_b   103.830
_cell.length_c   133.060
_cell.angle_alpha   90.000
_cell.angle_beta   90.000
_cell.angle_gamma   120.000
#
_symmetry.space_group_name_H-M   'P 32 2 1'
#
loop_
_entity.id
_entity.type
_entity.pdbx_description
1 polymer 'Carbonic anhydrase'
2 non-polymer 'ZINC ION'
3 non-polymer 2-acetamido-2-deoxy-beta-D-glucopyranose
4 non-polymer 4-oxo-N-(4-sulfamoylphenethyl)-1,3,4,6,7,11b-hexahydro-2H-pyrazino[2,1-a]isoquinoline-2-carbothioamide
5 non-polymer GLYCEROL
6 water water
#
_entity_poly.entity_id   1
_entity_poly.type   'polypeptide(L)'
_entity_poly.pdbx_seq_one_letter_code
;MTYQWLIGIQISLLFVNCICNGSEWSYTNILTGPETWHEHYKNMCSGYYQSPIDLKTDISTLDLKLKTVIIYRNTSSTET
TTIQNNGHSAEVKFPRNTWFISFDGILDYKYEIIQMHFHWGNTDDRGSEHTIDGFRFPLEGHIVSFRRQMYSSPSEAIGR
PGGLAVLGIMHQIVESIKYEQTAFKAYNNFSGVLNSQFVPPNNSTIDDINLALLLSLLNPSRYFRYLGSLTTPPCTENVL
WTVFIDPVLITREQINLFRNLPYGSNEKQTRMGDNFRPIQLLNPIDTLASRTLYRATARSLSLLSLSGILYIMITSQLSV
IFL
;
_entity_poly.pdbx_strand_id   AAA,BBB
#
loop_
_chem_comp.id
_chem_comp.type
_chem_comp.name
_chem_comp.formula
GOL non-polymer GLYCEROL 'C3 H8 O3'
HFF non-polymer 4-oxo-N-(4-sulfamoylphenethyl)-1,3,4,6,7,11b-hexahydro-2H-pyrazino[2,1-a]isoquinoline-2-carbothioamide 'C21 H24 N4 O3 S2'
NAG D-saccharide, beta linking 2-acetamido-2-deoxy-beta-D-glucopyranose 'C8 H15 N O6'
ZN non-polymer 'ZINC ION' 'Zn 2'
#
# COMPACT_ATOMS: atom_id res chain seq x y z
N GLU A 24 -5.19 -36.46 14.35
CA GLU A 24 -5.46 -35.12 14.99
C GLU A 24 -4.20 -34.24 14.91
N TRP A 25 -4.40 -32.94 14.69
CA TRP A 25 -3.25 -32.00 14.71
C TRP A 25 -3.65 -30.73 15.48
N SER A 26 -2.66 -29.96 15.83
CA SER A 26 -2.85 -28.70 16.57
C SER A 26 -1.67 -27.79 16.29
N TYR A 27 -1.75 -26.56 16.80
CA TYR A 27 -0.60 -25.65 16.84
C TYR A 27 0.10 -25.70 18.20
N THR A 28 -0.64 -25.85 19.29
CA THR A 28 -0.09 -25.56 20.65
C THR A 28 0.01 -26.82 21.51
N ASN A 29 -0.56 -27.97 21.11
CA ASN A 29 -0.34 -29.24 21.87
C ASN A 29 0.91 -29.91 21.34
N ILE A 30 1.98 -30.00 22.14
CA ILE A 30 3.32 -30.46 21.68
C ILE A 30 3.24 -31.91 21.15
N LEU A 31 2.22 -32.66 21.58
CA LEU A 31 2.01 -34.07 21.14
C LEU A 31 1.51 -34.12 19.69
N THR A 32 0.76 -33.10 19.23
CA THR A 32 0.13 -33.09 17.88
C THR A 32 0.54 -31.84 17.06
N GLY A 33 1.50 -31.06 17.55
CA GLY A 33 1.87 -29.75 16.99
C GLY A 33 2.79 -29.84 15.79
N PRO A 34 3.16 -28.68 15.22
CA PRO A 34 3.78 -28.66 13.90
C PRO A 34 5.06 -29.48 13.78
N GLU A 35 5.79 -29.69 14.90
CA GLU A 35 7.06 -30.45 14.86
C GLU A 35 6.76 -31.93 14.62
N THR A 36 5.52 -32.35 14.80
CA THR A 36 5.14 -33.76 14.64
C THR A 36 4.53 -34.04 13.26
N TRP A 37 4.11 -32.99 12.53
CA TRP A 37 3.35 -33.22 11.28
C TRP A 37 4.11 -34.10 10.28
N HIS A 38 5.44 -33.95 10.18
CA HIS A 38 6.28 -34.71 9.22
C HIS A 38 6.16 -36.21 9.50
N GLU A 39 5.81 -36.61 10.73
CA GLU A 39 5.67 -38.02 11.15
C GLU A 39 4.19 -38.45 11.09
N HIS A 40 3.25 -37.61 11.52
CA HIS A 40 1.81 -37.98 11.54
C HIS A 40 1.17 -37.91 10.15
N TYR A 41 1.71 -37.08 9.26
CA TYR A 41 1.13 -36.80 7.92
C TYR A 41 2.26 -36.79 6.89
N LYS A 42 3.01 -37.90 6.75
CA LYS A 42 4.27 -37.88 5.96
C LYS A 42 3.93 -37.48 4.50
N ASN A 43 2.76 -37.89 4.03
CA ASN A 43 2.15 -37.44 2.75
C ASN A 43 1.25 -36.24 3.07
N MET A 44 1.77 -34.99 2.96
CA MET A 44 3.03 -34.62 2.34
C MET A 44 3.82 -33.69 3.29
N CYS A 45 3.51 -33.67 4.58
CA CYS A 45 4.22 -32.75 5.52
C CYS A 45 5.71 -33.11 5.66
N SER A 46 6.19 -34.27 5.14
CA SER A 46 7.61 -34.66 5.12
C SER A 46 8.27 -34.23 3.81
N GLY A 47 7.58 -33.50 2.95
CA GLY A 47 8.14 -33.10 1.65
C GLY A 47 9.19 -32.01 1.67
N TYR A 48 9.77 -31.72 0.51
CA TYR A 48 10.82 -30.71 0.33
C TYR A 48 10.28 -29.49 -0.45
N TYR A 49 8.96 -29.37 -0.66
CA TYR A 49 8.38 -28.14 -1.28
C TYR A 49 7.33 -27.58 -0.33
N GLN A 50 7.72 -27.41 0.92
CA GLN A 50 6.78 -27.00 1.99
C GLN A 50 6.68 -25.46 2.10
N SER A 51 5.60 -25.04 2.75
CA SER A 51 5.27 -23.61 3.01
C SER A 51 4.88 -23.53 4.48
N PRO A 52 5.00 -22.35 5.13
CA PRO A 52 5.56 -21.13 4.57
C PRO A 52 7.10 -21.11 4.53
N ILE A 53 7.66 -20.11 3.85
CA ILE A 53 9.11 -19.89 3.73
C ILE A 53 9.40 -18.44 4.09
N ASP A 54 10.67 -18.16 4.31
CA ASP A 54 11.18 -16.78 4.41
C ASP A 54 11.29 -16.24 3.00
N LEU A 55 10.60 -15.14 2.73
CA LEU A 55 10.61 -14.53 1.40
C LEU A 55 11.75 -13.54 1.38
N LYS A 56 12.82 -13.88 0.66
CA LYS A 56 14.12 -13.17 0.75
C LYS A 56 14.24 -12.28 -0.48
N THR A 57 14.17 -10.96 -0.31
CA THR A 57 14.22 -10.02 -1.45
C THR A 57 15.52 -10.19 -2.25
N ASP A 58 16.66 -10.29 -1.56
CA ASP A 58 17.98 -10.38 -2.21
C ASP A 58 18.11 -11.72 -2.94
N ILE A 59 17.65 -12.84 -2.35
CA ILE A 59 17.82 -14.23 -2.84
C ILE A 59 16.52 -14.65 -3.53
N SER A 60 16.09 -13.88 -4.48
CA SER A 60 14.84 -14.12 -5.25
C SER A 60 15.12 -13.65 -6.67
N THR A 61 14.48 -14.26 -7.65
CA THR A 61 14.66 -13.93 -9.09
CA THR A 61 14.64 -13.96 -9.10
C THR A 61 13.52 -13.05 -9.56
N LEU A 62 13.84 -11.80 -9.94
CA LEU A 62 12.84 -10.90 -10.59
C LEU A 62 12.43 -11.46 -11.93
N ASP A 63 11.13 -11.75 -12.12
CA ASP A 63 10.57 -12.25 -13.40
C ASP A 63 9.57 -11.20 -13.91
N LEU A 64 9.98 -10.41 -14.90
CA LEU A 64 9.17 -9.29 -15.46
C LEU A 64 7.92 -9.81 -16.14
N LYS A 65 7.84 -11.10 -16.50
CA LYS A 65 6.67 -11.71 -17.14
C LYS A 65 5.48 -11.88 -16.17
N LEU A 66 5.68 -11.81 -14.86
CA LEU A 66 4.58 -12.04 -13.89
C LEU A 66 3.73 -10.76 -13.78
N LYS A 67 2.45 -10.89 -14.08
CA LYS A 67 1.56 -9.73 -14.36
C LYS A 67 0.85 -9.34 -13.06
N THR A 68 0.16 -8.22 -13.13
CA THR A 68 -0.64 -7.74 -11.98
CA THR A 68 -0.73 -7.69 -12.06
C THR A 68 -1.74 -8.76 -11.70
N VAL A 69 -1.98 -9.04 -10.43
CA VAL A 69 -3.10 -9.91 -10.03
C VAL A 69 -4.43 -9.14 -10.04
N ILE A 70 -5.47 -9.76 -10.60
CA ILE A 70 -6.86 -9.24 -10.58
C ILE A 70 -7.76 -10.18 -9.80
N ILE A 71 -8.62 -9.62 -8.94
CA ILE A 71 -9.71 -10.39 -8.30
C ILE A 71 -11.02 -9.80 -8.78
N TYR A 72 -11.92 -10.65 -9.19
CA TYR A 72 -13.15 -10.18 -9.86
C TYR A 72 -14.29 -11.08 -9.48
N ARG A 73 -15.49 -10.46 -9.53
CA ARG A 73 -16.73 -11.11 -9.10
C ARG A 73 -17.66 -11.40 -10.29
N ASN A 74 -18.40 -12.48 -10.22
CA ASN A 74 -19.57 -12.76 -11.08
C ASN A 74 -20.73 -11.95 -10.49
N THR A 75 -21.16 -10.88 -11.14
CA THR A 75 -22.22 -9.98 -10.59
C THR A 75 -23.59 -10.70 -10.66
N SER A 76 -23.74 -11.91 -11.23
CA SER A 76 -25.03 -12.66 -11.22
C SER A 76 -25.16 -13.52 -9.98
N SER A 77 -24.07 -13.72 -9.23
CA SER A 77 -24.13 -14.60 -8.05
C SER A 77 -24.90 -13.87 -6.94
N THR A 78 -25.83 -14.56 -6.28
CA THR A 78 -26.65 -14.00 -5.16
C THR A 78 -26.46 -14.83 -3.90
N GLU A 79 -25.68 -15.90 -3.98
CA GLU A 79 -25.57 -16.84 -2.85
C GLU A 79 -24.83 -16.17 -1.68
N THR A 80 -25.09 -16.68 -0.51
CA THR A 80 -24.64 -16.15 0.79
C THR A 80 -23.19 -16.59 1.05
N THR A 81 -22.42 -15.76 1.76
CA THR A 81 -21.10 -16.05 2.33
C THR A 81 -21.31 -16.45 3.79
N THR A 82 -20.52 -17.39 4.29
CA THR A 82 -20.48 -17.76 5.72
C THR A 82 -19.07 -17.71 6.24
N ILE A 83 -18.96 -17.71 7.56
CA ILE A 83 -17.67 -17.80 8.27
C ILE A 83 -17.85 -18.84 9.36
N GLN A 84 -16.81 -19.59 9.64
CA GLN A 84 -16.83 -20.64 10.68
C GLN A 84 -15.59 -20.47 11.55
N ASN A 85 -15.72 -20.75 12.85
CA ASN A 85 -14.56 -21.04 13.72
C ASN A 85 -14.33 -22.54 13.60
N ASN A 86 -13.31 -22.98 12.84
CA ASN A 86 -13.10 -24.42 12.55
C ASN A 86 -12.19 -25.00 13.62
N GLY A 87 -11.86 -24.23 14.65
CA GLY A 87 -11.04 -24.72 15.77
C GLY A 87 -9.58 -24.40 15.56
N HIS A 88 -9.18 -24.00 14.35
CA HIS A 88 -7.77 -23.59 14.08
C HIS A 88 -7.68 -22.17 13.47
N SER A 89 -8.73 -21.69 12.85
CA SER A 89 -8.74 -20.34 12.22
C SER A 89 -10.17 -19.86 12.13
N ALA A 90 -10.33 -18.60 11.73
CA ALA A 90 -11.58 -18.07 11.23
C ALA A 90 -11.60 -18.23 9.70
N GLU A 91 -12.52 -19.03 9.17
CA GLU A 91 -12.51 -19.37 7.72
C GLU A 91 -13.80 -18.89 7.06
N VAL A 92 -13.64 -17.98 6.12
CA VAL A 92 -14.74 -17.48 5.27
C VAL A 92 -14.92 -18.49 4.14
N LYS A 93 -16.12 -19.00 3.97
CA LYS A 93 -16.48 -19.93 2.87
C LYS A 93 -17.32 -19.16 1.87
N PHE A 94 -16.76 -18.99 0.69
CA PHE A 94 -17.40 -18.31 -0.43
C PHE A 94 -18.28 -19.31 -1.15
N PRO A 95 -19.40 -18.82 -1.71
CA PRO A 95 -20.19 -19.65 -2.62
C PRO A 95 -19.42 -19.97 -3.90
N ARG A 96 -19.77 -21.08 -4.55
CA ARG A 96 -19.24 -21.46 -5.88
C ARG A 96 -19.53 -20.39 -6.92
N ASN A 97 -18.66 -20.23 -7.91
CA ASN A 97 -18.91 -19.46 -9.14
C ASN A 97 -19.08 -17.98 -8.85
N THR A 98 -18.40 -17.47 -7.83
CA THR A 98 -18.66 -16.09 -7.38
C THR A 98 -17.43 -15.20 -7.50
N TRP A 99 -16.32 -15.61 -6.90
CA TRP A 99 -15.08 -14.81 -6.86
C TRP A 99 -13.98 -15.61 -7.57
N PHE A 100 -13.21 -14.89 -8.37
CA PHE A 100 -12.17 -15.39 -9.29
C PHE A 100 -10.87 -14.59 -9.14
N ILE A 101 -9.79 -15.26 -9.58
CA ILE A 101 -8.46 -14.63 -9.75
C ILE A 101 -8.10 -14.81 -11.23
N SER A 102 -7.52 -13.74 -11.74
CA SER A 102 -6.78 -13.70 -13.01
C SER A 102 -5.33 -13.31 -12.81
N PHE A 103 -4.42 -14.13 -13.36
CA PHE A 103 -2.97 -13.84 -13.37
C PHE A 103 -2.53 -13.40 -14.76
N ASP A 104 -3.44 -13.35 -15.72
CA ASP A 104 -3.03 -13.10 -17.14
C ASP A 104 -3.86 -11.95 -17.75
N GLY A 105 -4.65 -11.24 -16.97
CA GLY A 105 -5.41 -10.08 -17.47
C GLY A 105 -6.72 -10.47 -18.15
N ILE A 106 -6.96 -11.73 -18.44
CA ILE A 106 -8.22 -12.25 -19.03
C ILE A 106 -9.17 -12.66 -17.92
N LEU A 107 -10.45 -12.27 -18.04
CA LEU A 107 -11.48 -12.58 -17.03
C LEU A 107 -12.27 -13.81 -17.42
N ASP A 108 -11.64 -14.98 -17.55
CA ASP A 108 -12.23 -16.20 -18.12
C ASP A 108 -12.26 -17.34 -17.11
N TYR A 109 -12.16 -17.02 -15.82
CA TYR A 109 -12.54 -17.93 -14.70
C TYR A 109 -11.51 -19.07 -14.58
N LYS A 110 -10.24 -18.79 -14.80
CA LYS A 110 -9.22 -19.87 -14.71
C LYS A 110 -9.02 -20.32 -13.24
N TYR A 111 -9.12 -19.38 -12.29
CA TYR A 111 -8.96 -19.67 -10.87
C TYR A 111 -10.22 -19.20 -10.16
N GLU A 112 -10.81 -20.08 -9.39
CA GLU A 112 -12.06 -19.78 -8.63
C GLU A 112 -11.79 -19.86 -7.12
N ILE A 113 -12.15 -18.79 -6.42
CA ILE A 113 -11.89 -18.65 -4.97
C ILE A 113 -12.88 -19.53 -4.20
N ILE A 114 -12.39 -20.24 -3.19
CA ILE A 114 -13.16 -21.17 -2.33
C ILE A 114 -13.35 -20.57 -0.95
N GLN A 115 -12.27 -20.11 -0.35
CA GLN A 115 -12.37 -19.63 1.04
C GLN A 115 -11.24 -18.70 1.35
N MET A 116 -11.36 -18.03 2.48
CA MET A 116 -10.28 -17.15 3.01
C MET A 116 -10.15 -17.40 4.52
N HIS A 117 -8.96 -17.61 4.97
CA HIS A 117 -8.77 -17.77 6.42
C HIS A 117 -7.53 -16.99 6.84
N PHE A 118 -7.28 -17.06 8.14
CA PHE A 118 -6.36 -16.12 8.77
C PHE A 118 -5.49 -16.84 9.80
N HIS A 119 -4.30 -16.27 9.93
CA HIS A 119 -3.23 -16.69 10.85
C HIS A 119 -2.78 -15.45 11.60
N TRP A 120 -2.73 -15.55 12.93
CA TRP A 120 -2.34 -14.41 13.77
C TRP A 120 -1.60 -14.86 15.04
N GLY A 121 -1.16 -13.87 15.79
CA GLY A 121 -0.24 -14.01 16.92
C GLY A 121 -0.93 -13.68 18.25
N ASN A 122 -0.36 -14.19 19.35
CA ASN A 122 -0.82 -13.80 20.71
C ASN A 122 -0.46 -12.33 20.93
N THR A 123 0.61 -11.86 20.29
CA THR A 123 1.15 -10.49 20.40
C THR A 123 1.36 -9.87 19.02
N ASP A 124 1.50 -8.55 18.97
CA ASP A 124 1.45 -7.80 17.69
C ASP A 124 2.70 -8.06 16.84
N ASP A 125 3.78 -8.58 17.43
CA ASP A 125 5.04 -8.72 16.68
C ASP A 125 5.17 -10.12 16.03
N ARG A 126 4.13 -10.93 16.02
CA ARG A 126 4.17 -12.19 15.24
C ARG A 126 2.76 -12.54 14.80
N GLY A 127 2.64 -13.59 14.00
CA GLY A 127 1.33 -14.09 13.57
C GLY A 127 1.33 -14.60 12.15
N SER A 128 2.06 -13.95 11.26
CA SER A 128 2.13 -14.36 9.84
C SER A 128 2.84 -15.71 9.73
N GLU A 129 2.56 -16.41 8.65
CA GLU A 129 3.19 -17.71 8.34
C GLU A 129 4.43 -17.43 7.53
N HIS A 130 4.28 -16.73 6.39
CA HIS A 130 5.45 -16.19 5.70
C HIS A 130 6.09 -15.06 6.52
N THR A 131 7.39 -14.89 6.29
CA THR A 131 8.22 -13.75 6.69
C THR A 131 8.75 -13.08 5.43
N ILE A 132 8.99 -11.77 5.50
CA ILE A 132 9.66 -11.02 4.43
C ILE A 132 10.97 -10.50 4.97
N ASP A 133 12.07 -11.05 4.48
CA ASP A 133 13.42 -10.75 5.01
C ASP A 133 13.42 -10.93 6.53
N GLY A 134 12.85 -12.05 7.00
CA GLY A 134 12.83 -12.42 8.41
C GLY A 134 11.79 -11.72 9.25
N PHE A 135 11.01 -10.78 8.70
CA PHE A 135 10.03 -9.96 9.46
C PHE A 135 8.67 -10.64 9.49
N ARG A 136 8.07 -10.74 10.67
CA ARG A 136 6.71 -11.29 10.86
C ARG A 136 5.72 -10.14 10.96
N PHE A 137 4.57 -10.31 10.32
CA PHE A 137 3.41 -9.41 10.40
C PHE A 137 2.46 -9.94 11.48
N PRO A 138 1.54 -9.09 12.02
CA PRO A 138 0.59 -9.57 13.01
C PRO A 138 -0.51 -10.51 12.50
N LEU A 139 -0.80 -10.45 11.20
CA LEU A 139 -1.94 -11.16 10.61
C LEU A 139 -1.63 -11.42 9.14
N GLU A 140 -1.85 -12.66 8.70
CA GLU A 140 -1.71 -13.08 7.29
C GLU A 140 -3.03 -13.70 6.87
N GLY A 141 -3.64 -13.18 5.80
CA GLY A 141 -4.84 -13.77 5.20
C GLY A 141 -4.47 -14.61 4.00
N HIS A 142 -5.16 -15.74 3.84
CA HIS A 142 -4.96 -16.71 2.74
C HIS A 142 -6.24 -16.83 1.95
N ILE A 143 -6.22 -16.28 0.72
CA ILE A 143 -7.33 -16.44 -0.24
C ILE A 143 -7.04 -17.70 -1.08
N VAL A 144 -7.86 -18.74 -0.88
CA VAL A 144 -7.63 -20.08 -1.47
C VAL A 144 -8.48 -20.22 -2.74
N SER A 145 -7.83 -20.56 -3.86
CA SER A 145 -8.55 -20.77 -5.15
C SER A 145 -8.15 -22.13 -5.74
N PHE A 146 -8.98 -22.67 -6.62
CA PHE A 146 -8.61 -23.87 -7.42
C PHE A 146 -8.55 -23.52 -8.91
N ARG A 147 -7.72 -24.32 -9.59
CA ARG A 147 -7.41 -24.14 -11.03
C ARG A 147 -8.58 -24.72 -11.84
N ARG A 148 -9.67 -23.97 -11.86
CA ARG A 148 -10.91 -24.30 -12.60
C ARG A 148 -10.58 -24.55 -14.06
N GLN A 149 -9.56 -23.89 -14.58
CA GLN A 149 -9.06 -24.12 -15.96
C GLN A 149 -8.86 -25.61 -16.23
N MET A 150 -8.43 -26.38 -15.24
CA MET A 150 -8.12 -27.81 -15.37
C MET A 150 -9.12 -28.67 -14.62
N TYR A 151 -9.59 -28.27 -13.43
CA TYR A 151 -10.36 -29.12 -12.50
C TYR A 151 -11.76 -28.51 -12.36
N SER A 152 -12.78 -29.35 -12.46
CA SER A 152 -14.18 -28.88 -12.48
C SER A 152 -14.67 -28.54 -11.07
N SER A 153 -14.06 -29.05 -10.00
CA SER A 153 -14.60 -28.73 -8.65
C SER A 153 -13.48 -28.59 -7.63
N PRO A 154 -13.73 -27.88 -6.53
CA PRO A 154 -12.76 -27.80 -5.45
C PRO A 154 -12.33 -29.18 -4.96
N SER A 155 -13.28 -30.12 -4.84
CA SER A 155 -12.95 -31.45 -4.26
C SER A 155 -12.08 -32.23 -5.26
N GLU A 156 -12.20 -31.98 -6.56
CA GLU A 156 -11.29 -32.58 -7.57
C GLU A 156 -9.89 -31.98 -7.44
N ALA A 157 -9.78 -30.68 -7.21
CA ALA A 157 -8.51 -29.93 -7.31
C ALA A 157 -7.72 -30.08 -6.01
N ILE A 158 -8.39 -30.13 -4.84
CA ILE A 158 -7.71 -29.91 -3.54
C ILE A 158 -6.62 -30.97 -3.30
N GLY A 159 -6.78 -32.20 -3.80
CA GLY A 159 -5.76 -33.24 -3.59
C GLY A 159 -4.96 -33.61 -4.86
N ARG A 160 -5.09 -32.86 -5.97
CA ARG A 160 -4.43 -33.25 -7.24
C ARG A 160 -3.30 -32.28 -7.60
N PRO A 161 -2.37 -32.71 -8.47
CA PRO A 161 -1.22 -31.87 -8.83
C PRO A 161 -1.66 -30.55 -9.44
N GLY A 162 -0.99 -29.47 -9.03
CA GLY A 162 -1.23 -28.15 -9.63
C GLY A 162 -2.67 -27.64 -9.37
N GLY A 163 -3.36 -28.20 -8.38
CA GLY A 163 -4.79 -27.90 -8.14
C GLY A 163 -5.09 -26.52 -7.59
N LEU A 164 -4.19 -25.90 -6.82
CA LEU A 164 -4.54 -24.76 -5.96
C LEU A 164 -3.65 -23.57 -6.23
N ALA A 165 -4.17 -22.38 -5.97
CA ALA A 165 -3.41 -21.14 -5.95
C ALA A 165 -3.89 -20.37 -4.73
N VAL A 166 -2.97 -19.92 -3.91
CA VAL A 166 -3.31 -19.15 -2.68
C VAL A 166 -2.65 -17.79 -2.77
N LEU A 167 -3.40 -16.75 -2.41
CA LEU A 167 -2.89 -15.38 -2.25
C LEU A 167 -2.64 -15.14 -0.77
N GLY A 168 -1.46 -14.64 -0.44
CA GLY A 168 -1.14 -14.19 0.92
C GLY A 168 -1.16 -12.68 1.06
N ILE A 169 -1.96 -12.22 2.00
CA ILE A 169 -2.19 -10.77 2.27
C ILE A 169 -1.72 -10.49 3.69
N MET A 170 -0.64 -9.74 3.79
CA MET A 170 -0.05 -9.30 5.08
C MET A 170 -0.88 -8.10 5.54
N HIS A 171 -1.06 -8.02 6.83
CA HIS A 171 -1.71 -6.87 7.50
C HIS A 171 -0.76 -6.28 8.53
N GLN A 172 -0.78 -4.95 8.66
CA GLN A 172 0.06 -4.23 9.64
C GLN A 172 -0.81 -3.25 10.44
N ILE A 173 -0.50 -3.12 11.74
CA ILE A 173 -1.26 -2.28 12.70
C ILE A 173 -0.78 -0.83 12.58
N VAL A 174 -1.74 0.08 12.48
CA VAL A 174 -1.50 1.54 12.53
C VAL A 174 -2.37 2.09 13.67
N GLU A 175 -1.89 3.16 14.30
CA GLU A 175 -2.62 3.84 15.41
C GLU A 175 -3.65 4.82 14.83
N SER A 176 -3.33 5.48 13.72
CA SER A 176 -4.15 6.61 13.16
C SER A 176 -4.70 6.23 11.78
N ILE A 177 -5.99 5.94 11.70
CA ILE A 177 -6.66 5.53 10.44
C ILE A 177 -8.19 5.60 10.58
N LYS A 178 -8.89 5.93 9.50
CA LYS A 178 -10.36 5.80 9.46
C LYS A 178 -10.69 4.34 9.15
N TYR A 179 -11.75 3.83 9.78
CA TYR A 179 -12.33 2.50 9.49
C TYR A 179 -12.33 2.21 7.99
N GLU A 180 -12.83 3.16 7.18
CA GLU A 180 -13.03 2.99 5.72
C GLU A 180 -11.73 2.66 4.97
N GLN A 181 -10.57 3.01 5.49
CA GLN A 181 -9.28 2.73 4.80
C GLN A 181 -8.59 1.48 5.40
N THR A 182 -9.22 0.84 6.39
CA THR A 182 -8.71 -0.43 6.97
C THR A 182 -9.19 -1.59 6.11
N ALA A 183 -8.53 -2.74 6.23
CA ALA A 183 -8.98 -3.99 5.62
C ALA A 183 -10.40 -4.34 6.10
N PHE A 184 -10.77 -4.00 7.32
CA PHE A 184 -12.10 -4.38 7.86
C PHE A 184 -13.26 -3.74 7.08
N LYS A 185 -13.04 -2.63 6.41
CA LYS A 185 -14.04 -2.12 5.42
C LYS A 185 -14.30 -3.17 4.35
N ALA A 186 -13.26 -3.70 3.71
CA ALA A 186 -13.45 -4.80 2.72
C ALA A 186 -14.16 -6.00 3.36
N TYR A 187 -13.82 -6.33 4.60
CA TYR A 187 -14.35 -7.52 5.32
C TYR A 187 -15.76 -7.23 5.87
N ASN A 188 -16.23 -5.99 5.84
CA ASN A 188 -17.49 -5.57 6.54
C ASN A 188 -17.48 -6.03 8.01
N ASN A 189 -16.33 -5.90 8.68
CA ASN A 189 -16.12 -6.33 10.08
C ASN A 189 -16.50 -7.80 10.30
N PHE A 190 -16.59 -8.61 9.26
CA PHE A 190 -17.05 -10.02 9.32
C PHE A 190 -18.42 -10.07 10.03
N SER A 191 -19.25 -9.03 9.83
CA SER A 191 -20.63 -8.88 10.39
C SER A 191 -20.63 -9.08 11.91
N GLY A 192 -19.52 -8.74 12.60
CA GLY A 192 -19.41 -8.74 14.07
C GLY A 192 -19.21 -10.10 14.69
N VAL A 193 -18.92 -11.15 13.90
CA VAL A 193 -18.87 -12.56 14.38
C VAL A 193 -17.60 -12.79 15.20
N LEU A 194 -16.57 -11.95 15.09
CA LEU A 194 -15.31 -12.21 15.84
C LEU A 194 -15.48 -11.77 17.32
N ASN A 195 -15.84 -12.71 18.19
CA ASN A 195 -16.07 -12.42 19.63
C ASN A 195 -15.93 -13.73 20.41
N SER A 196 -15.90 -13.64 21.74
CA SER A 196 -15.60 -14.79 22.62
C SER A 196 -16.68 -15.87 22.47
N GLN A 197 -17.86 -15.57 21.98
CA GLN A 197 -18.95 -16.57 21.95
C GLN A 197 -18.98 -17.32 20.61
N PHE A 198 -18.07 -16.98 19.70
CA PHE A 198 -18.01 -17.61 18.34
C PHE A 198 -17.20 -18.90 18.50
N VAL A 199 -17.82 -19.91 19.09
CA VAL A 199 -17.11 -21.15 19.51
C VAL A 199 -17.09 -22.11 18.32
N PRO A 200 -16.07 -22.98 18.22
CA PRO A 200 -16.06 -24.00 17.18
C PRO A 200 -17.20 -25.00 17.45
N PRO A 201 -17.88 -25.58 16.43
CA PRO A 201 -17.61 -25.37 15.00
C PRO A 201 -18.71 -24.48 14.41
N ASN A 202 -19.15 -23.47 15.16
CA ASN A 202 -20.23 -22.53 14.79
C ASN A 202 -19.86 -21.89 13.44
N ASN A 203 -20.85 -21.71 12.61
CA ASN A 203 -20.75 -20.98 11.34
C ASN A 203 -21.88 -19.97 11.35
N SER A 204 -21.68 -18.82 10.73
CA SER A 204 -22.70 -17.77 10.64
C SER A 204 -22.64 -17.17 9.23
N THR A 205 -23.80 -16.80 8.73
CA THR A 205 -23.95 -16.01 7.50
C THR A 205 -23.33 -14.63 7.75
N ILE A 206 -22.54 -14.14 6.80
CA ILE A 206 -21.94 -12.79 6.91
C ILE A 206 -22.22 -12.04 5.62
N ASP A 207 -22.08 -10.72 5.66
CA ASP A 207 -22.10 -9.87 4.42
C ASP A 207 -20.96 -10.38 3.52
N ASP A 208 -21.11 -10.28 2.22
CA ASP A 208 -20.01 -10.67 1.31
C ASP A 208 -18.78 -9.80 1.59
N ILE A 209 -17.62 -10.39 1.38
CA ILE A 209 -16.29 -9.75 1.52
C ILE A 209 -16.00 -9.10 0.16
N ASN A 210 -15.65 -7.82 0.14
CA ASN A 210 -15.28 -7.12 -1.09
C ASN A 210 -13.80 -7.39 -1.38
N LEU A 211 -13.50 -8.54 -2.00
CA LEU A 211 -12.09 -8.95 -2.20
C LEU A 211 -11.42 -8.01 -3.20
N ALA A 212 -12.15 -7.41 -4.16
CA ALA A 212 -11.55 -6.41 -5.06
C ALA A 212 -11.10 -5.18 -4.28
N LEU A 213 -11.91 -4.68 -3.36
CA LEU A 213 -11.49 -3.52 -2.51
C LEU A 213 -10.26 -3.91 -1.68
N LEU A 214 -10.28 -5.10 -1.10
CA LEU A 214 -9.12 -5.56 -0.29
C LEU A 214 -7.85 -5.46 -1.12
N LEU A 215 -7.86 -6.03 -2.33
CA LEU A 215 -6.65 -6.03 -3.17
C LEU A 215 -6.21 -4.60 -3.53
N SER A 216 -7.14 -3.66 -3.66
CA SER A 216 -6.82 -2.26 -4.03
C SER A 216 -6.12 -1.57 -2.85
N LEU A 217 -6.16 -2.12 -1.63
CA LEU A 217 -5.47 -1.50 -0.45
C LEU A 217 -3.97 -1.75 -0.51
N LEU A 218 -3.49 -2.60 -1.43
CA LEU A 218 -2.04 -2.83 -1.58
C LEU A 218 -1.68 -2.74 -3.07
N ASN A 219 -0.42 -2.97 -3.42
CA ASN A 219 0.06 -3.00 -4.81
C ASN A 219 -0.05 -4.40 -5.37
N PRO A 220 -1.01 -4.66 -6.26
CA PRO A 220 -1.26 -6.01 -6.75
C PRO A 220 -0.24 -6.46 -7.81
N SER A 221 0.75 -5.65 -8.13
CA SER A 221 1.87 -6.02 -9.05
C SER A 221 3.13 -6.44 -8.30
N ARG A 222 3.20 -6.24 -6.96
CA ARG A 222 4.43 -6.37 -6.18
C ARG A 222 4.27 -7.56 -5.25
N TYR A 223 4.87 -8.69 -5.63
CA TYR A 223 4.64 -9.97 -4.92
C TYR A 223 5.82 -10.92 -5.08
N PHE A 224 5.91 -11.84 -4.11
CA PHE A 224 6.69 -13.08 -4.27
C PHE A 224 5.82 -14.18 -4.88
N ARG A 225 6.46 -15.10 -5.61
CA ARG A 225 5.82 -16.21 -6.32
C ARG A 225 6.68 -17.44 -6.16
N TYR A 226 6.08 -18.56 -5.79
CA TYR A 226 6.82 -19.84 -5.72
C TYR A 226 5.84 -20.98 -5.63
N LEU A 227 6.36 -22.16 -5.90
CA LEU A 227 5.58 -23.39 -5.78
C LEU A 227 5.77 -24.02 -4.40
N GLY A 228 4.69 -24.26 -3.68
CA GLY A 228 4.76 -24.78 -2.30
C GLY A 228 3.55 -25.57 -1.93
N SER A 229 3.15 -25.45 -0.67
CA SER A 229 2.24 -26.43 -0.03
C SER A 229 1.13 -25.74 0.74
N LEU A 230 0.12 -26.52 1.12
CA LEU A 230 -0.78 -26.12 2.21
C LEU A 230 0.07 -25.96 3.48
N THR A 231 -0.33 -25.05 4.36
CA THR A 231 0.45 -24.81 5.61
C THR A 231 -0.15 -25.58 6.78
N THR A 232 -1.19 -26.36 6.54
CA THR A 232 -1.79 -27.24 7.58
C THR A 232 -1.83 -28.65 7.02
N PRO A 233 -1.85 -29.68 7.88
CA PRO A 233 -1.93 -31.06 7.40
C PRO A 233 -3.10 -31.26 6.46
N PRO A 234 -2.94 -32.01 5.34
CA PRO A 234 -1.73 -32.78 5.04
C PRO A 234 -0.64 -32.11 4.19
N CYS A 235 -0.58 -30.77 4.18
CA CYS A 235 0.59 -30.05 3.65
C CYS A 235 0.78 -30.39 2.15
N THR A 236 -0.29 -30.55 1.41
CA THR A 236 -0.20 -31.04 0.00
C THR A 236 0.68 -30.09 -0.81
N GLU A 237 1.64 -30.62 -1.61
CA GLU A 237 2.55 -29.79 -2.43
C GLU A 237 1.91 -29.51 -3.81
N ASN A 238 0.81 -28.76 -3.80
CA ASN A 238 0.06 -28.46 -5.02
C ASN A 238 -0.41 -27.00 -5.02
N VAL A 239 0.31 -26.11 -4.34
CA VAL A 239 -0.07 -24.70 -4.19
C VAL A 239 0.88 -23.78 -4.98
N LEU A 240 0.30 -23.02 -5.90
CA LEU A 240 0.98 -21.86 -6.51
C LEU A 240 0.79 -20.67 -5.57
N TRP A 241 1.86 -20.26 -4.91
CA TRP A 241 1.83 -19.18 -3.90
C TRP A 241 2.07 -17.83 -4.55
N THR A 242 1.33 -16.82 -4.08
CA THR A 242 1.56 -15.39 -4.40
C THR A 242 1.47 -14.67 -3.09
N VAL A 243 2.54 -14.02 -2.65
CA VAL A 243 2.48 -13.28 -1.36
C VAL A 243 2.78 -11.81 -1.68
N PHE A 244 1.81 -10.93 -1.46
CA PHE A 244 2.01 -9.48 -1.74
C PHE A 244 2.96 -8.88 -0.73
N ILE A 245 3.87 -8.00 -1.19
CA ILE A 245 4.92 -7.44 -0.32
C ILE A 245 4.38 -6.30 0.55
N ASP A 246 3.49 -5.49 0.00
CA ASP A 246 2.91 -4.34 0.74
C ASP A 246 1.76 -4.82 1.61
N PRO A 247 1.72 -4.46 2.90
CA PRO A 247 0.60 -4.86 3.73
C PRO A 247 -0.60 -3.94 3.61
N VAL A 248 -1.78 -4.50 3.87
CA VAL A 248 -3.02 -3.72 4.10
C VAL A 248 -2.98 -3.32 5.58
N LEU A 249 -3.84 -2.39 5.98
CA LEU A 249 -3.72 -1.77 7.31
C LEU A 249 -4.93 -2.12 8.19
N ILE A 250 -4.64 -2.36 9.45
CA ILE A 250 -5.64 -2.67 10.51
C ILE A 250 -5.24 -1.92 11.79
N THR A 251 -6.16 -1.91 12.75
CA THR A 251 -5.94 -1.33 14.09
C THR A 251 -5.65 -2.43 15.12
N ARG A 252 -5.13 -2.02 16.28
CA ARG A 252 -4.97 -2.94 17.43
C ARG A 252 -6.32 -3.49 17.82
N GLU A 253 -7.36 -2.65 17.81
CA GLU A 253 -8.72 -3.08 18.16
C GLU A 253 -9.15 -4.24 17.25
N GLN A 254 -8.89 -4.13 15.94
CA GLN A 254 -9.30 -5.18 14.97
C GLN A 254 -8.51 -6.47 15.23
N ILE A 255 -7.20 -6.44 15.43
CA ILE A 255 -6.42 -7.70 15.65
C ILE A 255 -6.91 -8.38 16.95
N ASN A 256 -7.26 -7.62 17.98
CA ASN A 256 -7.73 -8.21 19.25
C ASN A 256 -9.08 -8.88 19.03
N LEU A 257 -9.88 -8.51 18.05
CA LEU A 257 -11.13 -9.23 17.76
C LEU A 257 -10.80 -10.71 17.45
N PHE A 258 -9.79 -10.97 16.63
CA PHE A 258 -9.43 -12.37 16.29
C PHE A 258 -9.02 -13.10 17.57
N ARG A 259 -8.29 -12.42 18.45
CA ARG A 259 -7.76 -13.01 19.69
C ARG A 259 -8.90 -13.36 20.64
N ASN A 260 -10.11 -12.86 20.39
CA ASN A 260 -11.29 -13.26 21.22
C ASN A 260 -11.78 -14.67 20.87
N LEU A 261 -11.43 -15.24 19.71
CA LEU A 261 -11.99 -16.58 19.36
C LEU A 261 -11.38 -17.64 20.26
N PRO A 262 -12.16 -18.68 20.67
CA PRO A 262 -11.58 -19.83 21.36
C PRO A 262 -10.99 -20.83 20.35
N TYR A 263 -9.85 -21.40 20.71
CA TYR A 263 -9.30 -22.58 20.06
C TYR A 263 -10.23 -23.79 20.24
N GLY A 264 -10.08 -24.77 19.35
CA GLY A 264 -10.72 -26.09 19.50
C GLY A 264 -10.11 -26.86 20.67
N SER A 265 -10.78 -27.93 21.11
CA SER A 265 -10.40 -28.76 22.29
C SER A 265 -9.11 -29.57 22.04
N ASN A 266 -8.62 -29.67 20.80
CA ASN A 266 -7.32 -30.31 20.44
C ASN A 266 -6.14 -29.48 20.97
N GLU A 267 -6.36 -28.18 21.20
CA GLU A 267 -5.28 -27.21 21.54
C GLU A 267 -5.07 -27.18 23.06
N LYS A 268 -3.84 -26.93 23.48
CA LYS A 268 -3.44 -26.58 24.88
C LYS A 268 -3.90 -25.15 25.23
N GLN A 269 -3.63 -24.15 24.37
CA GLN A 269 -4.02 -22.72 24.62
C GLN A 269 -5.55 -22.59 24.48
N THR A 270 -6.19 -21.79 25.34
CA THR A 270 -7.66 -21.58 25.32
C THR A 270 -8.04 -20.63 24.18
N ARG A 271 -7.39 -19.47 24.14
CA ARG A 271 -7.69 -18.39 23.17
C ARG A 271 -6.95 -18.70 21.86
N MET A 272 -7.59 -18.40 20.74
CA MET A 272 -6.98 -18.64 19.41
C MET A 272 -5.92 -17.57 19.13
N GLY A 273 -4.70 -18.03 18.84
CA GLY A 273 -3.53 -17.19 18.58
C GLY A 273 -2.31 -18.05 18.38
N ASP A 274 -1.30 -17.55 17.67
CA ASP A 274 -0.10 -18.32 17.30
C ASP A 274 -0.51 -19.52 16.46
N ASN A 275 -1.50 -19.32 15.60
CA ASN A 275 -2.05 -20.37 14.70
C ASN A 275 -1.29 -20.25 13.37
N PHE A 276 0.04 -20.30 13.45
CA PHE A 276 0.95 -20.25 12.29
C PHE A 276 1.91 -21.42 12.34
N ARG A 277 2.27 -21.92 11.17
CA ARG A 277 3.29 -22.97 11.01
C ARG A 277 4.66 -22.33 11.04
N PRO A 278 5.66 -23.01 11.63
CA PRO A 278 7.03 -22.55 11.54
C PRO A 278 7.55 -22.48 10.11
N ILE A 279 8.57 -21.66 9.91
CA ILE A 279 9.26 -21.44 8.61
C ILE A 279 9.93 -22.74 8.14
N GLN A 280 9.75 -23.03 6.86
CA GLN A 280 10.34 -24.14 6.10
C GLN A 280 11.42 -23.57 5.20
N LEU A 281 12.43 -24.37 4.85
CA LEU A 281 13.45 -23.95 3.87
C LEU A 281 12.89 -24.02 2.44
N LEU A 282 13.34 -23.12 1.58
CA LEU A 282 13.05 -23.20 0.15
C LEU A 282 13.60 -24.54 -0.40
N ASN A 283 14.81 -24.88 0.04
CA ASN A 283 15.44 -26.14 -0.46
C ASN A 283 16.08 -26.89 0.69
N PRO A 284 15.33 -27.74 1.41
CA PRO A 284 15.91 -28.66 2.39
C PRO A 284 17.03 -29.44 1.71
N ILE A 285 17.98 -29.91 2.51
CA ILE A 285 19.16 -30.71 2.07
C ILE A 285 18.73 -31.95 1.24
N ASP A 286 17.60 -32.55 1.53
CA ASP A 286 17.25 -33.84 0.87
C ASP A 286 16.50 -33.56 -0.46
N THR A 287 16.39 -32.30 -0.92
CA THR A 287 15.58 -32.00 -2.12
C THR A 287 16.14 -32.76 -3.33
N LEU A 288 15.27 -33.24 -4.23
CA LEU A 288 15.74 -33.90 -5.48
C LEU A 288 15.63 -32.94 -6.69
N ALA A 289 15.10 -31.74 -6.53
CA ALA A 289 15.08 -30.74 -7.61
C ALA A 289 14.73 -29.39 -6.96
N SER A 290 15.70 -28.51 -6.93
CA SER A 290 15.61 -27.20 -6.20
C SER A 290 14.48 -26.36 -6.78
N ARG A 291 13.71 -25.68 -5.93
CA ARG A 291 12.74 -24.68 -6.44
C ARG A 291 13.39 -23.30 -6.31
N THR A 292 12.86 -22.35 -7.06
CA THR A 292 13.33 -20.96 -7.08
C THR A 292 12.21 -20.04 -6.52
N LEU A 293 12.59 -19.04 -5.75
CA LEU A 293 11.68 -17.95 -5.30
C LEU A 293 11.75 -16.82 -6.32
N TYR A 294 10.59 -16.47 -6.88
CA TYR A 294 10.45 -15.40 -7.88
C TYR A 294 9.83 -14.17 -7.21
N ARG A 295 10.03 -13.04 -7.82
CA ARG A 295 9.47 -11.73 -7.39
C ARG A 295 8.89 -11.07 -8.65
N ALA A 296 7.82 -10.30 -8.46
CA ALA A 296 7.16 -9.50 -9.52
C ALA A 296 7.19 -8.02 -9.10
N THR A 297 7.22 -7.12 -10.09
CA THR A 297 7.00 -5.66 -9.86
C THR A 297 6.37 -5.06 -11.12
N ALA A 298 5.78 -3.87 -10.98
CA ALA A 298 4.93 -3.25 -12.03
C ALA A 298 5.84 -2.92 -13.21
N ARG A 299 5.30 -3.14 -14.41
CA ARG A 299 5.84 -2.64 -15.70
C ARG A 299 6.31 -1.20 -15.49
N SER A 300 7.63 -1.01 -15.27
CA SER A 300 8.29 0.30 -15.14
C SER A 300 8.75 0.81 -16.49
N GLU B 24 7.79 37.22 1.10
CA GLU B 24 6.67 37.87 1.83
C GLU B 24 5.49 36.89 1.98
N TRP B 25 5.75 35.58 2.13
CA TRP B 25 4.71 34.66 2.63
C TRP B 25 5.31 33.69 3.66
N SER B 26 4.45 33.17 4.51
CA SER B 26 4.77 32.20 5.58
C SER B 26 3.57 31.29 5.84
N TYR B 27 3.76 30.30 6.71
CA TYR B 27 2.71 29.44 7.29
C TYR B 27 2.32 29.94 8.66
N THR B 28 3.28 30.46 9.46
CA THR B 28 3.02 30.66 10.91
C THR B 28 3.05 32.14 11.34
N ASN B 29 3.46 33.07 10.48
CA ASN B 29 3.39 34.52 10.81
C ASN B 29 2.06 35.09 10.35
N ILE B 30 1.20 35.51 11.28
CA ILE B 30 -0.19 35.95 10.97
C ILE B 30 -0.18 37.15 10.01
N LEU B 31 0.94 37.88 9.90
CA LEU B 31 1.04 39.01 8.93
C LEU B 31 1.17 38.50 7.48
N THR B 32 1.72 37.29 7.27
CA THR B 32 2.04 36.81 5.89
C THR B 32 1.52 35.38 5.67
N GLY B 33 0.68 34.89 6.58
CA GLY B 33 0.20 33.50 6.74
C GLY B 33 -0.85 33.19 5.69
N PRO B 34 -1.29 31.91 5.60
CA PRO B 34 -2.21 31.49 4.53
C PRO B 34 -3.53 32.26 4.43
N GLU B 35 -4.03 32.81 5.54
CA GLU B 35 -5.29 33.61 5.52
C GLU B 35 -5.07 34.93 4.76
N THR B 36 -3.83 35.35 4.52
CA THR B 36 -3.53 36.63 3.86
C THR B 36 -3.25 36.42 2.38
N TRP B 37 -3.06 35.16 1.90
CA TRP B 37 -2.56 34.95 0.52
C TRP B 37 -3.58 35.49 -0.50
N HIS B 38 -4.86 35.36 -0.24
CA HIS B 38 -5.92 35.78 -1.21
C HIS B 38 -5.81 37.29 -1.44
N GLU B 39 -5.33 38.02 -0.43
CA GLU B 39 -5.14 39.49 -0.52
C GLU B 39 -3.74 39.80 -1.08
N HIS B 40 -2.68 39.12 -0.65
CA HIS B 40 -1.29 39.42 -1.08
C HIS B 40 -0.99 38.88 -2.47
N TYR B 41 -1.63 37.78 -2.91
CA TYR B 41 -1.40 37.18 -4.24
C TYR B 41 -2.75 36.93 -4.91
N LYS B 42 -3.50 37.99 -5.24
CA LYS B 42 -4.88 37.75 -5.75
C LYS B 42 -4.76 36.87 -7.00
N ASN B 43 -3.74 37.06 -7.85
CA ASN B 43 -3.42 36.19 -9.03
C ASN B 43 -2.40 35.15 -8.55
N MET B 44 -2.83 33.94 -8.13
CA MET B 44 -4.18 33.41 -8.29
C MET B 44 -4.74 32.81 -6.97
N CYS B 45 -4.24 33.20 -5.80
CA CYS B 45 -4.67 32.65 -4.48
C CYS B 45 -6.10 33.08 -4.13
N SER B 46 -6.71 34.00 -4.88
CA SER B 46 -8.12 34.43 -4.68
C SER B 46 -9.06 33.63 -5.56
N GLY B 47 -8.54 32.69 -6.37
CA GLY B 47 -9.32 31.98 -7.38
C GLY B 47 -10.28 30.95 -6.79
N TYR B 48 -10.98 30.22 -7.67
CA TYR B 48 -11.98 29.21 -7.22
C TYR B 48 -11.63 27.83 -7.76
N TYR B 49 -10.40 27.63 -8.24
CA TYR B 49 -9.89 26.28 -8.59
C TYR B 49 -8.64 26.02 -7.72
N GLN B 50 -8.74 26.24 -6.42
CA GLN B 50 -7.61 26.17 -5.46
C GLN B 50 -7.43 24.74 -4.89
N SER B 51 -6.21 24.51 -4.45
CA SER B 51 -5.78 23.28 -3.75
C SER B 51 -5.16 23.67 -2.42
N PRO B 52 -5.14 22.79 -1.39
CA PRO B 52 -5.71 21.45 -1.43
C PRO B 52 -7.20 21.44 -1.19
N ILE B 53 -7.82 20.31 -1.40
CA ILE B 53 -9.27 20.10 -1.14
C ILE B 53 -9.42 18.85 -0.26
N ASP B 54 -10.60 18.71 0.32
CA ASP B 54 -11.02 17.44 0.97
C ASP B 54 -11.41 16.45 -0.13
N LEU B 55 -10.71 15.33 -0.19
CA LEU B 55 -10.98 14.28 -1.20
C LEU B 55 -12.09 13.38 -0.68
N LYS B 56 -13.30 13.58 -1.19
CA LYS B 56 -14.52 12.93 -0.65
C LYS B 56 -14.85 11.72 -1.54
N THR B 57 -14.74 10.51 -0.98
CA THR B 57 -14.98 9.24 -1.73
C THR B 57 -16.42 9.22 -2.29
N ASP B 58 -17.39 9.66 -1.49
CA ASP B 58 -18.85 9.60 -1.79
C ASP B 58 -19.19 10.68 -2.84
N ILE B 59 -18.62 11.88 -2.72
CA ILE B 59 -18.84 12.99 -3.69
C ILE B 59 -17.64 13.08 -4.62
N SER B 60 -17.31 11.98 -5.27
CA SER B 60 -16.34 11.92 -6.38
C SER B 60 -16.94 11.05 -7.49
N THR B 61 -16.52 11.24 -8.74
CA THR B 61 -16.98 10.42 -9.88
C THR B 61 -15.88 9.41 -10.27
N LEU B 62 -16.21 8.12 -10.26
CA LEU B 62 -15.29 7.07 -10.73
C LEU B 62 -15.13 7.18 -12.24
N ASP B 63 -13.92 7.27 -12.76
CA ASP B 63 -13.64 7.31 -14.20
C ASP B 63 -12.72 6.13 -14.51
N LEU B 64 -13.28 5.08 -15.10
CA LEU B 64 -12.57 3.81 -15.36
C LEU B 64 -11.49 4.01 -16.43
N LYS B 65 -11.51 5.11 -17.18
CA LYS B 65 -10.50 5.37 -18.26
C LYS B 65 -9.17 5.88 -17.67
N LEU B 66 -9.13 6.28 -16.41
CA LEU B 66 -7.91 6.82 -15.77
C LEU B 66 -7.01 5.60 -15.41
N LYS B 67 -5.82 5.59 -15.93
CA LYS B 67 -4.94 4.40 -15.98
C LYS B 67 -3.92 4.44 -14.84
N THR B 68 -3.25 3.29 -14.65
CA THR B 68 -2.16 3.22 -13.66
C THR B 68 -1.11 4.28 -13.96
N VAL B 69 -0.61 4.91 -12.90
CA VAL B 69 0.53 5.86 -12.99
C VAL B 69 1.83 5.06 -12.97
N ILE B 70 2.73 5.45 -13.87
CA ILE B 70 4.10 4.91 -13.98
C ILE B 70 5.10 6.03 -13.76
N ILE B 71 6.09 5.78 -12.91
CA ILE B 71 7.24 6.67 -12.80
C ILE B 71 8.46 5.90 -13.32
N TYR B 72 9.31 6.56 -14.11
CA TYR B 72 10.40 5.86 -14.83
C TYR B 72 11.55 6.81 -15.03
N ARG B 73 12.77 6.24 -15.12
CA ARG B 73 14.04 6.98 -15.15
C ARG B 73 14.71 6.82 -16.52
N ASN B 74 15.37 7.86 -16.96
CA ASN B 74 16.34 7.81 -18.08
C ASN B 74 17.64 7.25 -17.49
N THR B 75 17.97 6.00 -17.82
CA THR B 75 19.15 5.28 -17.27
CA THR B 75 19.16 5.25 -17.31
C THR B 75 20.47 5.89 -17.79
N SER B 76 20.44 6.74 -18.83
CA SER B 76 21.64 7.45 -19.34
C SER B 76 21.94 8.70 -18.51
N SER B 77 21.04 9.11 -17.61
CA SER B 77 21.28 10.36 -16.84
C SER B 77 22.29 10.07 -15.72
N THR B 78 23.27 10.94 -15.50
CA THR B 78 24.31 10.75 -14.43
C THR B 78 24.37 11.96 -13.51
N GLU B 79 23.62 13.02 -13.77
CA GLU B 79 23.75 14.25 -12.96
C GLU B 79 23.18 13.98 -11.55
N THR B 80 23.68 14.76 -10.57
CA THR B 80 23.43 14.53 -9.14
C THR B 80 22.05 15.08 -8.75
N THR B 81 21.42 14.50 -7.74
CA THR B 81 20.23 15.07 -7.06
C THR B 81 20.67 15.94 -5.86
N THR B 82 19.97 17.02 -5.54
CA THR B 82 20.21 17.82 -4.30
CA THR B 82 20.22 17.81 -4.30
C THR B 82 18.93 17.89 -3.47
N ILE B 83 19.06 18.32 -2.24
CA ILE B 83 17.92 18.68 -1.37
C ILE B 83 18.22 20.05 -0.75
N GLN B 84 17.20 20.87 -0.58
CA GLN B 84 17.32 22.23 -0.03
C GLN B 84 16.32 22.39 1.11
N ASN B 85 16.75 23.04 2.19
CA ASN B 85 15.83 23.66 3.15
C ASN B 85 15.52 25.04 2.58
N ASN B 86 14.32 25.25 2.00
CA ASN B 86 14.05 26.52 1.27
C ASN B 86 13.39 27.53 2.23
N GLY B 87 13.27 27.17 3.51
CA GLY B 87 12.67 27.96 4.59
C GLY B 87 11.21 27.63 4.81
N HIS B 88 10.55 26.92 3.87
CA HIS B 88 9.10 26.56 3.96
CA HIS B 88 9.11 26.56 4.00
C HIS B 88 8.92 25.03 3.85
N SER B 89 9.84 24.32 3.20
CA SER B 89 9.80 22.84 3.14
C SER B 89 11.18 22.27 2.88
N ALA B 90 11.33 20.94 2.98
CA ALA B 90 12.48 20.19 2.44
C ALA B 90 12.20 19.82 0.99
N GLU B 91 12.99 20.34 0.04
CA GLU B 91 12.74 20.22 -1.41
C GLU B 91 13.86 19.46 -2.12
N VAL B 92 13.56 18.25 -2.59
CA VAL B 92 14.49 17.52 -3.45
C VAL B 92 14.43 18.13 -4.84
N LYS B 93 15.57 18.49 -5.43
CA LYS B 93 15.66 19.06 -6.79
C LYS B 93 16.29 18.00 -7.67
N PHE B 94 15.54 17.45 -8.63
CA PHE B 94 16.02 16.44 -9.60
C PHE B 94 16.71 17.17 -10.75
N PRO B 95 17.74 16.55 -11.35
CA PRO B 95 18.35 17.11 -12.55
C PRO B 95 17.35 16.95 -13.70
N ARG B 96 17.52 17.77 -14.74
CA ARG B 96 16.68 17.74 -15.96
C ARG B 96 16.81 16.37 -16.64
N ASN B 97 15.79 15.97 -17.40
CA ASN B 97 15.80 14.81 -18.31
C ASN B 97 16.11 13.50 -17.59
N THR B 98 15.61 13.28 -16.39
CA THR B 98 16.03 12.12 -15.58
C THR B 98 14.82 11.31 -15.13
N TRP B 99 13.86 11.94 -14.45
CA TRP B 99 12.67 11.22 -13.94
C TRP B 99 11.39 11.72 -14.64
N PHE B 100 10.51 10.78 -14.96
CA PHE B 100 9.28 11.00 -15.80
C PHE B 100 8.06 10.35 -15.15
N ILE B 101 6.88 10.89 -15.50
CA ILE B 101 5.57 10.25 -15.22
C ILE B 101 4.89 9.92 -16.53
N SER B 102 4.25 8.77 -16.58
CA SER B 102 3.35 8.37 -17.67
C SER B 102 1.99 8.07 -17.05
N PHE B 103 0.98 8.70 -17.62
CA PHE B 103 -0.43 8.47 -17.27
C PHE B 103 -1.11 7.57 -18.31
N ASP B 104 -0.43 7.27 -19.42
CA ASP B 104 -1.12 6.63 -20.58
C ASP B 104 -0.43 5.31 -20.95
N GLY B 105 0.54 4.86 -20.16
CA GLY B 105 1.24 3.58 -20.44
C GLY B 105 2.36 3.72 -21.45
N ILE B 106 2.52 4.86 -22.11
CA ILE B 106 3.62 5.12 -23.08
C ILE B 106 4.76 5.81 -22.32
N LEU B 107 5.99 5.35 -22.53
CA LEU B 107 7.19 5.92 -21.87
C LEU B 107 7.85 6.92 -22.83
N ASP B 108 7.13 8.00 -23.19
CA ASP B 108 7.60 8.97 -24.21
C ASP B 108 7.77 10.37 -23.63
N TYR B 109 7.99 10.47 -22.32
CA TYR B 109 8.53 11.70 -21.68
C TYR B 109 7.50 12.85 -21.75
N LYS B 110 6.22 12.55 -21.65
CA LYS B 110 5.16 13.60 -21.66
C LYS B 110 5.23 14.47 -20.40
N TYR B 111 5.59 13.89 -19.24
CA TYR B 111 5.72 14.64 -17.98
C TYR B 111 7.11 14.40 -17.39
N GLU B 112 7.81 15.48 -17.09
CA GLU B 112 9.20 15.43 -16.56
C GLU B 112 9.16 15.95 -15.12
N ILE B 113 9.70 15.16 -14.18
CA ILE B 113 9.77 15.51 -12.75
C ILE B 113 10.90 16.53 -12.52
N ILE B 114 10.58 17.55 -11.77
CA ILE B 114 11.45 18.68 -11.39
C ILE B 114 11.89 18.51 -9.96
N GLN B 115 10.94 18.32 -9.04
CA GLN B 115 11.26 18.37 -7.61
C GLN B 115 10.23 17.60 -6.81
N MET B 116 10.63 17.29 -5.59
CA MET B 116 9.71 16.66 -4.62
C MET B 116 9.87 17.39 -3.33
N HIS B 117 8.77 17.84 -2.76
CA HIS B 117 8.86 18.44 -1.41
C HIS B 117 7.76 17.87 -0.51
N PHE B 118 7.85 18.29 0.74
CA PHE B 118 7.13 17.64 1.84
C PHE B 118 6.38 18.67 2.65
N HIS B 119 5.25 18.23 3.15
CA HIS B 119 4.38 18.93 4.12
C HIS B 119 4.12 18.04 5.30
N TRP B 120 4.34 18.54 6.52
CA TRP B 120 4.11 17.77 7.75
C TRP B 120 3.66 18.66 8.91
N GLY B 121 3.33 17.97 9.99
CA GLY B 121 2.72 18.55 11.20
C GLY B 121 3.72 18.64 12.34
N ASN B 122 3.38 19.49 13.29
CA ASN B 122 4.11 19.55 14.59
C ASN B 122 3.87 18.25 15.34
N THR B 123 2.72 17.62 15.12
CA THR B 123 2.20 16.41 15.79
C THR B 123 1.77 15.38 14.73
N ASP B 124 1.64 14.11 15.13
CA ASP B 124 1.44 12.97 14.19
C ASP B 124 0.01 12.97 13.63
N ASP B 125 -0.93 13.71 14.23
CA ASP B 125 -2.35 13.73 13.84
C ASP B 125 -2.62 14.78 12.75
N ARG B 126 -1.61 15.50 12.28
CA ARG B 126 -1.82 16.44 11.14
C ARG B 126 -0.54 16.59 10.34
N GLY B 127 -0.62 17.30 9.21
CA GLY B 127 0.54 17.53 8.35
C GLY B 127 0.20 17.58 6.87
N SER B 128 -0.71 16.72 6.40
CA SER B 128 -1.02 16.63 4.95
C SER B 128 -1.75 17.92 4.52
N GLU B 129 -1.69 18.23 3.24
CA GLU B 129 -2.44 19.38 2.67
C GLU B 129 -3.83 18.89 2.32
N HIS B 130 -3.87 17.85 1.48
CA HIS B 130 -5.14 17.15 1.20
C HIS B 130 -5.56 16.34 2.43
N THR B 131 -6.85 16.20 2.59
CA THR B 131 -7.50 15.22 3.48
C THR B 131 -8.25 14.22 2.65
N ILE B 132 -8.47 13.01 3.21
CA ILE B 132 -9.31 11.97 2.56
C ILE B 132 -10.47 11.70 3.51
N ASP B 133 -11.67 12.09 3.09
CA ASP B 133 -12.91 12.03 3.93
C ASP B 133 -12.63 12.66 5.29
N GLY B 134 -11.98 13.84 5.30
CA GLY B 134 -11.69 14.67 6.47
C GLY B 134 -10.46 14.24 7.27
N PHE B 135 -9.78 13.15 6.89
CA PHE B 135 -8.62 12.60 7.63
C PHE B 135 -7.30 13.21 7.16
N ARG B 136 -6.53 13.71 8.12
CA ARG B 136 -5.18 14.28 7.91
C ARG B 136 -4.15 13.18 8.14
N PHE B 137 -3.19 13.09 7.25
CA PHE B 137 -2.03 12.20 7.37
C PHE B 137 -0.90 13.01 8.00
N PRO B 138 0.09 12.35 8.62
CA PRO B 138 1.22 13.10 9.18
C PRO B 138 2.19 13.72 8.19
N LEU B 139 2.24 13.26 6.93
CA LEU B 139 3.21 13.74 5.93
C LEU B 139 2.59 13.55 4.55
N GLU B 140 2.72 14.54 3.66
CA GLU B 140 2.32 14.44 2.24
C GLU B 140 3.48 14.90 1.40
N GLY B 141 3.91 14.03 0.47
CA GLY B 141 4.96 14.37 -0.49
C GLY B 141 4.34 14.80 -1.80
N HIS B 142 4.91 15.84 -2.41
CA HIS B 142 4.47 16.37 -3.73
C HIS B 142 5.57 16.18 -4.74
N ILE B 143 5.33 15.32 -5.72
CA ILE B 143 6.25 15.05 -6.85
C ILE B 143 5.78 15.96 -7.99
N VAL B 144 6.55 17.01 -8.27
CA VAL B 144 6.16 18.10 -9.20
C VAL B 144 6.76 17.82 -10.56
N SER B 145 5.93 17.76 -11.61
CA SER B 145 6.38 17.56 -13.01
C SER B 145 5.85 18.67 -13.91
N PHE B 146 6.49 18.92 -15.03
CA PHE B 146 5.94 19.82 -16.08
C PHE B 146 5.55 18.99 -17.29
N ARG B 147 4.57 19.50 -18.01
CA ARG B 147 4.02 18.85 -19.20
C ARG B 147 4.98 19.14 -20.38
N ARG B 148 6.04 18.34 -20.41
CA ARG B 148 7.06 18.38 -21.48
C ARG B 148 6.46 18.08 -22.85
N GLN B 149 5.40 17.29 -22.94
CA GLN B 149 4.59 17.11 -24.17
C GLN B 149 4.35 18.48 -24.85
N MET B 150 4.08 19.55 -24.09
CA MET B 150 3.74 20.89 -24.66
C MET B 150 4.87 21.90 -24.45
N TYR B 151 5.56 21.89 -23.29
CA TYR B 151 6.43 22.98 -22.83
C TYR B 151 7.86 22.42 -22.76
N SER B 152 8.87 23.13 -23.28
CA SER B 152 10.24 22.56 -23.39
C SER B 152 10.99 22.75 -22.07
N SER B 153 10.57 23.66 -21.19
CA SER B 153 11.32 23.85 -19.92
C SER B 153 10.37 24.03 -18.75
N PRO B 154 10.81 23.76 -17.53
CA PRO B 154 10.05 24.10 -16.34
C PRO B 154 9.71 25.59 -16.29
N SER B 155 10.65 26.48 -16.59
CA SER B 155 10.39 27.94 -16.40
C SER B 155 9.27 28.40 -17.37
N GLU B 156 9.20 27.78 -18.53
CA GLU B 156 8.16 27.98 -19.59
C GLU B 156 6.83 27.38 -19.10
N ALA B 157 6.84 26.26 -18.36
CA ALA B 157 5.62 25.53 -17.94
C ALA B 157 5.01 26.11 -16.64
N ILE B 158 5.82 26.50 -15.67
CA ILE B 158 5.36 26.78 -14.29
C ILE B 158 4.28 27.88 -14.27
N GLY B 159 4.32 28.85 -15.21
CA GLY B 159 3.34 29.95 -15.19
C GLY B 159 2.29 29.82 -16.28
N ARG B 160 2.27 28.73 -17.03
CA ARG B 160 1.41 28.69 -18.22
C ARG B 160 0.26 27.72 -18.00
N PRO B 161 -0.84 27.88 -18.76
CA PRO B 161 -1.98 27.00 -18.62
C PRO B 161 -1.59 25.54 -18.81
N GLY B 162 -2.13 24.67 -17.96
CA GLY B 162 -1.93 23.22 -18.15
C GLY B 162 -0.45 22.79 -18.02
N GLY B 163 0.41 23.61 -17.40
CA GLY B 163 1.85 23.40 -17.33
C GLY B 163 2.27 22.23 -16.44
N LEU B 164 1.54 21.96 -15.36
CA LEU B 164 2.08 21.16 -14.21
C LEU B 164 1.18 19.97 -13.95
N ALA B 165 1.79 18.93 -13.42
CA ALA B 165 1.12 17.74 -12.86
C ALA B 165 1.88 17.38 -11.59
N VAL B 166 1.13 17.21 -10.50
CA VAL B 166 1.71 16.92 -9.17
C VAL B 166 1.12 15.63 -8.70
N LEU B 167 1.94 14.72 -8.19
CA LEU B 167 1.48 13.51 -7.47
C LEU B 167 1.55 13.78 -5.96
N GLY B 168 0.46 13.50 -5.26
CA GLY B 168 0.43 13.50 -3.80
C GLY B 168 0.57 12.11 -3.25
N ILE B 169 1.55 11.94 -2.39
CA ILE B 169 1.83 10.66 -1.69
C ILE B 169 1.60 10.85 -0.19
N MET B 170 0.59 10.20 0.34
CA MET B 170 0.30 10.16 1.78
C MET B 170 1.29 9.20 2.44
N HIS B 171 1.71 9.53 3.66
CA HIS B 171 2.57 8.66 4.49
C HIS B 171 1.84 8.42 5.81
N GLN B 172 1.86 7.19 6.33
CA GLN B 172 1.30 6.92 7.65
C GLN B 172 2.36 6.25 8.52
N ILE B 173 2.28 6.52 9.80
CA ILE B 173 3.26 6.03 10.81
C ILE B 173 2.84 4.64 11.30
N VAL B 174 3.82 3.71 11.35
CA VAL B 174 3.62 2.34 11.92
C VAL B 174 4.74 2.09 12.94
N GLU B 175 4.43 1.26 13.94
CA GLU B 175 5.40 0.95 15.05
C GLU B 175 6.29 -0.22 14.62
N SER B 176 5.81 -1.09 13.75
CA SER B 176 6.56 -2.34 13.42
C SER B 176 6.80 -2.41 11.91
N ILE B 177 8.05 -2.25 11.50
CA ILE B 177 8.39 -2.32 10.05
C ILE B 177 9.91 -2.42 9.88
N LYS B 178 10.38 -3.10 8.85
CA LYS B 178 11.81 -3.08 8.48
C LYS B 178 12.09 -1.80 7.69
N TYR B 179 13.23 -1.16 7.96
CA TYR B 179 13.70 0.03 7.22
C TYR B 179 13.41 -0.13 5.72
N GLU B 180 13.77 -1.27 5.13
CA GLU B 180 13.71 -1.51 3.67
C GLU B 180 12.29 -1.41 3.12
N GLN B 181 11.26 -1.49 3.95
CA GLN B 181 9.84 -1.47 3.52
C GLN B 181 9.20 -0.09 3.79
N THR B 182 9.98 0.86 4.29
CA THR B 182 9.52 2.24 4.56
C THR B 182 9.82 3.09 3.34
N ALA B 183 9.08 4.19 3.21
CA ALA B 183 9.34 5.20 2.18
C ALA B 183 10.79 5.74 2.28
N PHE B 184 11.38 5.75 3.47
CA PHE B 184 12.75 6.30 3.63
C PHE B 184 13.76 5.41 2.90
N LYS B 185 13.47 4.14 2.68
CA LYS B 185 14.33 3.29 1.81
C LYS B 185 14.34 3.91 0.41
N ALA B 186 13.18 4.26 -0.16
CA ALA B 186 13.13 4.85 -1.51
C ALA B 186 13.85 6.19 -1.52
N TYR B 187 13.82 6.92 -0.41
CA TYR B 187 14.48 8.25 -0.30
C TYR B 187 15.99 8.09 0.00
N ASN B 188 16.46 6.85 0.18
CA ASN B 188 17.85 6.55 0.70
C ASN B 188 18.15 7.42 1.92
N ASN B 189 17.18 7.52 2.81
CA ASN B 189 17.28 8.27 4.08
C ASN B 189 17.68 9.73 3.84
N PHE B 190 17.49 10.28 2.63
CA PHE B 190 17.96 11.64 2.24
C PHE B 190 19.47 11.75 2.55
N SER B 191 20.19 10.63 2.42
CA SER B 191 21.67 10.50 2.64
C SER B 191 22.09 11.10 3.99
N GLY B 192 21.22 11.01 5.00
CA GLY B 192 21.48 11.42 6.38
C GLY B 192 21.56 12.93 6.54
N VAL B 193 21.07 13.69 5.58
CA VAL B 193 21.29 15.16 5.50
C VAL B 193 20.35 15.93 6.43
N LEU B 194 19.21 15.38 6.81
CA LEU B 194 18.21 16.09 7.65
C LEU B 194 18.70 16.23 9.11
N ASN B 195 19.00 17.45 9.56
CA ASN B 195 19.33 17.73 10.99
C ASN B 195 19.08 19.21 11.29
N SER B 196 19.27 19.64 12.55
CA SER B 196 19.07 21.04 13.03
C SER B 196 19.97 22.05 12.32
N GLN B 197 21.04 21.61 11.67
CA GLN B 197 22.04 22.52 11.04
C GLN B 197 21.81 22.62 9.53
N PHE B 198 20.79 21.92 9.01
CA PHE B 198 20.42 22.02 7.59
C PHE B 198 19.50 23.23 7.48
N VAL B 199 20.11 24.41 7.37
CA VAL B 199 19.41 25.72 7.57
C VAL B 199 19.11 26.31 6.21
N PRO B 200 18.04 27.12 6.11
CA PRO B 200 17.71 27.78 4.85
C PRO B 200 18.78 28.82 4.56
N PRO B 201 19.22 29.02 3.30
CA PRO B 201 18.72 28.29 2.12
C PRO B 201 19.66 27.17 1.65
N ASN B 202 20.33 26.50 2.58
CA ASN B 202 21.38 25.50 2.25
C ASN B 202 20.77 24.37 1.40
N ASN B 203 21.58 23.87 0.48
CA ASN B 203 21.29 22.61 -0.25
C ASN B 203 22.48 21.70 -0.05
N SER B 204 22.25 20.40 -0.12
CA SER B 204 23.30 19.36 -0.12
C SER B 204 23.02 18.36 -1.23
N THR B 205 24.08 17.88 -1.86
CA THR B 205 24.04 16.70 -2.76
CA THR B 205 24.01 16.71 -2.78
C THR B 205 23.55 15.47 -1.99
N ILE B 206 22.69 14.65 -2.56
CA ILE B 206 22.19 13.41 -1.88
C ILE B 206 22.22 12.28 -2.89
N ASP B 207 22.23 11.04 -2.42
CA ASP B 207 22.04 9.88 -3.33
C ASP B 207 20.66 10.03 -4.01
N ASP B 208 20.52 9.50 -5.21
CA ASP B 208 19.25 9.67 -5.96
C ASP B 208 18.13 8.97 -5.20
N ILE B 209 16.91 9.49 -5.36
CA ILE B 209 15.64 8.95 -4.83
C ILE B 209 15.13 7.91 -5.81
N ASN B 210 14.81 6.71 -5.34
CA ASN B 210 14.24 5.67 -6.22
C ASN B 210 12.73 5.88 -6.25
N LEU B 211 12.27 6.75 -7.13
CA LEU B 211 10.83 7.09 -7.18
C LEU B 211 10.00 5.89 -7.66
N ALA B 212 10.56 4.97 -8.42
CA ALA B 212 9.83 3.76 -8.86
C ALA B 212 9.58 2.84 -7.65
N LEU B 213 10.57 2.69 -6.76
CA LEU B 213 10.34 1.91 -5.51
C LEU B 213 9.25 2.61 -4.70
N LEU B 214 9.33 3.92 -4.56
CA LEU B 214 8.33 4.67 -3.75
C LEU B 214 6.92 4.37 -4.26
N LEU B 215 6.71 4.42 -5.57
CA LEU B 215 5.37 4.17 -6.12
C LEU B 215 4.94 2.71 -5.89
N SER B 216 5.88 1.77 -5.87
CA SER B 216 5.58 0.33 -5.68
C SER B 216 5.08 0.07 -4.25
N LEU B 217 5.31 0.99 -3.31
CA LEU B 217 4.91 0.88 -1.87
C LEU B 217 3.42 1.17 -1.70
N LEU B 218 2.74 1.67 -2.72
CA LEU B 218 1.28 1.89 -2.67
C LEU B 218 0.65 1.31 -3.95
N ASN B 219 -0.65 1.47 -4.11
CA ASN B 219 -1.37 1.05 -5.32
C ASN B 219 -1.45 2.21 -6.31
N PRO B 220 -0.69 2.16 -7.41
CA PRO B 220 -0.56 3.29 -8.31
C PRO B 220 -1.77 3.41 -9.27
N SER B 221 -2.78 2.53 -9.13
CA SER B 221 -4.07 2.57 -9.90
C SER B 221 -5.18 3.27 -9.12
N ARG B 222 -5.01 3.50 -7.82
CA ARG B 222 -6.09 3.91 -6.90
C ARG B 222 -5.82 5.35 -6.41
N TYR B 223 -6.55 6.31 -6.96
CA TYR B 223 -6.19 7.73 -6.74
C TYR B 223 -7.38 8.64 -7.00
N PHE B 224 -7.32 9.82 -6.39
CA PHE B 224 -8.15 10.97 -6.78
C PHE B 224 -7.47 11.82 -7.86
N ARG B 225 -8.28 12.43 -8.70
CA ARG B 225 -7.80 13.22 -9.83
C ARG B 225 -8.68 14.48 -9.94
N TYR B 226 -8.07 15.67 -10.03
CA TYR B 226 -8.85 16.91 -10.29
C TYR B 226 -7.91 17.99 -10.80
N LEU B 227 -8.49 19.06 -11.35
CA LEU B 227 -7.74 20.26 -11.77
C LEU B 227 -7.72 21.25 -10.63
N GLY B 228 -6.53 21.66 -10.22
CA GLY B 228 -6.39 22.64 -9.13
C GLY B 228 -5.17 23.51 -9.30
N SER B 229 -4.50 23.77 -8.19
CA SER B 229 -3.51 24.86 -8.07
C SER B 229 -2.27 24.41 -7.33
N LEU B 230 -1.24 25.25 -7.42
CA LEU B 230 -0.10 25.20 -6.47
C LEU B 230 -0.66 25.51 -5.09
N THR B 231 -0.10 24.91 -4.03
CA THR B 231 -0.62 25.13 -2.66
C THR B 231 0.20 26.18 -1.92
N THR B 232 1.17 26.80 -2.59
CA THR B 232 1.92 27.96 -2.08
C THR B 232 1.77 29.09 -3.09
N PRO B 233 1.94 30.35 -2.64
CA PRO B 233 1.79 31.48 -3.55
C PRO B 233 2.73 31.35 -4.73
N PRO B 234 2.33 31.72 -5.96
CA PRO B 234 1.06 32.42 -6.20
C PRO B 234 -0.14 31.52 -6.53
N CYS B 235 -0.14 30.28 -6.09
CA CYS B 235 -1.35 29.40 -6.14
C CYS B 235 -1.85 29.27 -7.58
N THR B 236 -0.96 29.16 -8.54
CA THR B 236 -1.31 29.12 -9.99
C THR B 236 -2.28 27.98 -10.27
N GLU B 237 -3.39 28.27 -10.95
CA GLU B 237 -4.46 27.27 -11.28
C GLU B 237 -4.07 26.55 -12.59
N ASN B 238 -2.97 25.81 -12.57
CA ASN B 238 -2.48 25.07 -13.76
C ASN B 238 -1.95 23.67 -13.37
N VAL B 239 -2.47 23.09 -12.28
CA VAL B 239 -2.01 21.78 -11.77
C VAL B 239 -3.03 20.68 -12.04
N LEU B 240 -2.60 19.67 -12.78
CA LEU B 240 -3.32 18.36 -12.83
C LEU B 240 -2.92 17.58 -11.58
N TRP B 241 -3.85 17.39 -10.66
CA TRP B 241 -3.61 16.73 -9.35
C TRP B 241 -3.91 15.24 -9.46
N THR B 242 -3.06 14.44 -8.82
CA THR B 242 -3.28 12.99 -8.61
C THR B 242 -2.89 12.75 -7.15
N VAL B 243 -3.79 12.27 -6.33
CA VAL B 243 -3.49 11.97 -4.91
C VAL B 243 -3.83 10.49 -4.67
N PHE B 244 -2.80 9.68 -4.41
CA PHE B 244 -2.97 8.23 -4.17
C PHE B 244 -3.69 8.03 -2.85
N ILE B 245 -4.64 7.11 -2.86
CA ILE B 245 -5.51 6.89 -1.67
C ILE B 245 -4.76 6.07 -0.62
N ASP B 246 -3.95 5.11 -1.04
CA ASP B 246 -3.22 4.25 -0.09
C ASP B 246 -1.95 4.94 0.35
N PRO B 247 -1.68 5.05 1.67
CA PRO B 247 -0.42 5.65 2.13
C PRO B 247 0.77 4.67 2.03
N VAL B 248 1.94 5.24 1.84
CA VAL B 248 3.24 4.54 2.10
C VAL B 248 3.52 4.64 3.60
N LEU B 249 4.47 3.85 4.10
CA LEU B 249 4.64 3.69 5.57
C LEU B 249 5.99 4.24 6.03
N ILE B 250 5.95 4.92 7.18
CA ILE B 250 7.16 5.48 7.81
C ILE B 250 7.11 5.21 9.31
N THR B 251 8.22 5.49 9.98
CA THR B 251 8.29 5.37 11.45
C THR B 251 8.22 6.75 12.08
N ARG B 252 7.95 6.77 13.38
CA ARG B 252 7.92 7.99 14.22
C ARG B 252 9.32 8.64 14.20
N GLU B 253 10.38 7.82 14.22
CA GLU B 253 11.76 8.35 14.15
C GLU B 253 11.95 9.07 12.83
N GLN B 254 11.34 8.57 11.75
CA GLN B 254 11.54 9.15 10.41
C GLN B 254 10.80 10.50 10.34
N ILE B 255 9.55 10.61 10.82
CA ILE B 255 8.81 11.90 10.73
C ILE B 255 9.60 12.95 11.56
N ASN B 256 10.18 12.50 12.67
CA ASN B 256 10.97 13.42 13.55
C ASN B 256 12.18 14.00 12.84
N LEU B 257 12.75 13.34 11.83
CA LEU B 257 13.90 13.89 11.11
C LEU B 257 13.50 15.18 10.39
N PHE B 258 12.27 15.26 9.86
CA PHE B 258 11.78 16.51 9.21
C PHE B 258 11.62 17.61 10.28
N ARG B 259 11.08 17.30 11.45
CA ARG B 259 10.75 18.33 12.49
C ARG B 259 12.00 18.96 13.11
N ASN B 260 13.18 18.42 12.88
CA ASN B 260 14.47 19.03 13.36
C ASN B 260 14.81 20.22 12.48
N LEU B 261 14.27 20.25 11.26
CA LEU B 261 14.62 21.35 10.33
C LEU B 261 14.13 22.66 10.91
N PRO B 262 14.95 23.72 10.77
CA PRO B 262 14.55 25.07 11.14
C PRO B 262 13.74 25.75 10.03
N TYR B 263 12.69 26.45 10.41
CA TYR B 263 11.95 27.40 9.54
C TYR B 263 12.83 28.60 9.14
N GLY B 264 12.55 29.23 7.98
CA GLY B 264 13.15 30.53 7.56
C GLY B 264 12.78 31.64 8.54
N SER B 265 13.46 32.80 8.49
CA SER B 265 13.32 33.89 9.50
C SER B 265 11.98 34.64 9.35
N ASN B 266 11.34 34.54 8.20
CA ASN B 266 9.99 35.14 7.94
C ASN B 266 8.91 34.38 8.74
N GLU B 267 9.23 33.21 9.31
CA GLU B 267 8.27 32.42 10.12
C GLU B 267 8.32 32.85 11.60
N LYS B 268 7.22 32.68 12.31
CA LYS B 268 7.13 32.85 13.78
C LYS B 268 7.60 31.58 14.49
N GLN B 269 7.19 30.39 14.05
CA GLN B 269 7.56 29.14 14.74
C GLN B 269 9.03 28.87 14.41
N THR B 270 9.82 28.31 15.34
CA THR B 270 11.27 28.08 15.12
C THR B 270 11.49 26.82 14.29
N ARG B 271 10.93 25.69 14.71
CA ARG B 271 11.16 24.42 13.99
C ARG B 271 10.12 24.29 12.85
N MET B 272 10.55 23.78 11.71
CA MET B 272 9.65 23.55 10.55
C MET B 272 8.61 22.48 10.90
N GLY B 273 7.36 22.86 10.74
CA GLY B 273 6.19 22.03 11.01
C GLY B 273 4.92 22.83 10.73
N ASP B 274 3.82 22.12 10.47
CA ASP B 274 2.50 22.70 10.11
C ASP B 274 2.68 23.57 8.86
N ASN B 275 3.56 23.14 7.97
CA ASN B 275 3.82 23.77 6.66
C ASN B 275 2.81 23.20 5.64
N PHE B 276 1.53 23.38 5.89
CA PHE B 276 0.40 22.97 5.02
C PHE B 276 -0.61 24.10 4.90
N ARG B 277 -1.19 24.26 3.71
CA ARG B 277 -2.24 25.25 3.46
C ARG B 277 -3.55 24.67 4.00
N PRO B 278 -4.47 25.52 4.50
CA PRO B 278 -5.80 25.11 4.89
C PRO B 278 -6.58 24.63 3.67
N ILE B 279 -7.59 23.80 3.96
CA ILE B 279 -8.48 23.15 2.96
C ILE B 279 -9.26 24.24 2.19
N GLN B 280 -9.33 24.08 0.89
CA GLN B 280 -10.11 24.93 -0.04
C GLN B 280 -11.35 24.18 -0.46
N LEU B 281 -12.43 24.86 -0.83
CA LEU B 281 -13.63 24.22 -1.39
C LEU B 281 -13.42 23.77 -2.84
N LEU B 282 -14.00 22.65 -3.21
CA LEU B 282 -14.00 22.25 -4.63
C LEU B 282 -14.66 23.35 -5.46
N ASN B 283 -15.80 23.87 -5.01
CA ASN B 283 -16.54 24.89 -5.79
C ASN B 283 -16.99 26.02 -4.89
N PRO B 284 -16.11 27.01 -4.63
CA PRO B 284 -16.52 28.24 -3.95
C PRO B 284 -17.73 28.82 -4.69
N ILE B 285 -18.46 29.69 -3.98
CA ILE B 285 -19.78 30.20 -4.47
C ILE B 285 -19.63 31.08 -5.72
N ASP B 286 -18.48 31.69 -5.93
CA ASP B 286 -18.23 32.58 -7.08
C ASP B 286 -17.74 31.83 -8.32
N THR B 287 -17.66 30.49 -8.31
CA THR B 287 -17.19 29.79 -9.53
C THR B 287 -18.11 30.09 -10.74
N LEU B 288 -17.51 30.17 -11.92
CA LEU B 288 -18.25 30.40 -13.18
C LEU B 288 -18.26 29.09 -13.99
N ALA B 289 -17.62 28.03 -13.50
CA ALA B 289 -17.72 26.69 -14.13
C ALA B 289 -17.25 25.66 -13.11
N SER B 290 -18.18 24.87 -12.60
CA SER B 290 -17.84 23.91 -11.51
C SER B 290 -16.81 22.88 -12.00
N ARG B 291 -15.89 22.51 -11.12
CA ARG B 291 -15.01 21.35 -11.39
C ARG B 291 -15.57 20.14 -10.64
N THR B 292 -15.10 18.99 -11.11
CA THR B 292 -15.53 17.68 -10.60
C THR B 292 -14.30 16.96 -10.02
N LEU B 293 -14.50 16.26 -8.92
CA LEU B 293 -13.45 15.40 -8.34
C LEU B 293 -13.68 13.99 -8.93
N TYR B 294 -12.66 13.41 -9.52
CA TYR B 294 -12.68 12.07 -10.12
C TYR B 294 -11.89 11.10 -9.23
N ARG B 295 -12.21 9.82 -9.36
CA ARG B 295 -11.35 8.80 -8.75
C ARG B 295 -11.11 7.69 -9.74
N ALA B 296 -9.99 6.98 -9.50
CA ALA B 296 -9.52 5.91 -10.39
C ALA B 296 -9.42 4.63 -9.56
N THR B 297 -9.62 3.47 -10.17
CA THR B 297 -9.24 2.17 -9.54
C THR B 297 -8.87 1.15 -10.64
N ALA B 298 -8.39 -0.02 -10.25
CA ALA B 298 -7.78 -0.94 -11.24
C ALA B 298 -8.88 -1.61 -12.04
N ARG B 299 -8.55 -1.99 -13.29
CA ARG B 299 -9.29 -2.96 -14.14
C ARG B 299 -9.57 -4.22 -13.30
ZN ZN C . -3.65 -20.50 5.60
C1 NAG D . -17.46 -1.62 11.65
C2 NAG D . -18.74 -0.85 11.41
C3 NAG D . -18.38 0.64 11.39
C4 NAG D . -17.89 1.03 12.79
C5 NAG D . -16.76 0.07 13.26
C6 NAG D . -16.39 0.20 14.76
C7 NAG D . -20.07 -1.28 9.26
C8 NAG D . -20.32 0.13 8.76
N2 NAG D . -19.35 -1.58 10.33
O3 NAG D . -19.48 1.46 11.04
O4 NAG D . -17.54 2.43 12.85
O5 NAG D . -16.95 -1.36 12.93
O6 NAG D . -17.39 -0.21 15.74
O7 NAG D . -20.52 -2.26 8.72
C1 NAG E . -22.38 -16.68 -12.38
C2 NAG E . -21.86 -18.02 -12.93
C3 NAG E . -23.00 -18.78 -13.63
C4 NAG E . -24.21 -18.95 -12.71
C5 NAG E . -24.60 -17.56 -12.26
C6 NAG E . -25.84 -17.70 -11.37
C7 NAG E . -19.50 -18.53 -13.73
C8 NAG E . -18.43 -18.22 -14.76
N2 NAG E . -20.66 -17.83 -13.81
O3 NAG E . -22.51 -20.08 -14.01
O4 NAG E . -25.30 -19.76 -13.30
O5 NAG E . -23.50 -16.88 -11.53
O6 NAG E . -25.44 -17.68 -10.01
O7 NAG E . -19.27 -19.39 -12.87
C1 HFF F . -14.13 -30.24 -0.86
C2 HFF F . -15.60 -29.86 -1.02
C3 HFF F . -15.75 -28.37 -1.21
C4 HFF F . -16.84 -27.87 -1.93
C5 HFF F . -17.05 -26.50 -2.04
C9 HFF F . -13.54 -27.96 0.01
S1 HFF F . -10.63 -25.50 1.25
C11 HFF F . -10.78 -27.04 1.91
N1 HFF F . -11.90 -27.80 1.82
C10 HFF F . -13.17 -27.26 1.33
C8 HFF F . -14.85 -27.47 -0.61
C7 HFF F . -15.11 -26.11 -0.71
C6 HFF F . -16.20 -25.63 -1.42
N HFF F . -13.53 -29.41 0.20
C20 HFF F . -11.96 -29.23 2.09
C HFF F . -12.93 -30.02 1.26
O HFF F . -13.18 -31.19 1.55
N2 HFF F . -9.70 -27.67 2.39
C12 HFF F . -8.31 -27.25 2.22
C13 HFF F . -7.83 -26.56 3.39
C14 HFF F . -6.55 -25.75 3.22
C19 HFF F . -6.50 -24.67 2.35
C18 HFF F . -5.45 -23.74 2.42
C17 HFF F . -4.46 -23.91 3.38
S HFF F . -3.23 -22.67 3.61
O2 HFF F . -2.00 -23.20 3.18
N3 HFF F . -3.11 -22.44 5.23
O1 HFF F . -3.72 -21.46 2.99
C16 HFF F . -4.46 -25.01 4.22
C15 HFF F . -5.50 -25.94 4.11
C1 GOL G . 0.22 -0.36 0.54
O1 GOL G . -0.77 0.43 -0.11
C2 GOL G . 0.60 0.09 1.95
O2 GOL G . 1.39 -0.93 2.60
C3 GOL G . -0.57 0.45 2.82
O3 GOL G . -1.32 1.58 2.37
C1 NAG H . 18.85 10.96 -21.37
C2 NAG H . 18.12 12.16 -22.03
C3 NAG H . 19.10 12.62 -23.13
C4 NAG H . 20.45 13.08 -22.52
C5 NAG H . 21.02 11.89 -21.71
C6 NAG H . 22.38 12.15 -21.04
C7 NAG H . 15.60 12.43 -22.23
C8 NAG H . 14.45 11.67 -22.79
N2 NAG H . 16.78 11.81 -22.50
O3 NAG H . 18.49 13.70 -23.81
O4 NAG H . 21.32 13.63 -23.57
O5 NAG H . 20.06 11.40 -20.71
O6 NAG H . 22.21 13.09 -19.98
O7 NAG H . 15.44 13.49 -21.57
C1 NAG I . 18.95 8.52 8.56
C2 NAG I . 19.78 7.52 9.35
C3 NAG I . 19.81 7.94 10.79
C4 NAG I . 20.39 9.37 10.95
C5 NAG I . 19.56 10.35 10.05
C6 NAG I . 20.05 11.80 9.99
C7 NAG I . 19.72 5.20 8.36
C8 NAG I . 20.75 5.46 7.33
N2 NAG I . 19.28 6.16 9.23
O3 NAG I . 20.58 6.91 11.44
O4 NAG I . 20.47 9.76 12.34
O5 NAG I . 19.46 9.89 8.68
O6 NAG I . 19.10 12.67 9.31
O7 NAG I . 19.21 4.09 8.32
C1 NAG J . 24.91 24.60 -2.94
C2 NAG J . 24.55 25.69 -3.96
C3 NAG J . 25.85 26.24 -4.55
C4 NAG J . 26.74 26.79 -3.40
C5 NAG J . 27.03 25.63 -2.39
C6 NAG J . 27.86 25.96 -1.14
C7 NAG J . 22.40 25.44 -5.21
C8 NAG J . 21.65 24.43 -6.03
N2 NAG J . 23.65 25.06 -4.94
O3 NAG J . 25.56 27.20 -5.57
O4 NAG J . 27.95 27.39 -3.93
O5 NAG J . 25.83 25.02 -1.92
O6 NAG J . 27.45 27.19 -0.49
O7 NAG J . 21.90 26.49 -4.81
ZN ZN K . 3.58 20.90 -2.05
C1 HFF L . 12.11 28.09 -13.12
C2 HFF L . 13.58 27.81 -13.34
C3 HFF L . 13.85 26.33 -13.18
C4 HFF L . 14.86 25.72 -13.92
C5 HFF L . 15.16 24.38 -13.74
C9 HFF L . 11.87 26.13 -11.57
S1 HFF L . 9.43 24.05 -8.92
C11 HFF L . 9.53 25.73 -8.98
N1 HFF L . 10.56 26.43 -9.52
C10 HFF L . 11.79 25.84 -10.06
C8 HFF L . 13.11 25.57 -12.26
C7 HFF L . 13.46 24.23 -12.07
C6 HFF L . 14.46 23.64 -12.81
N HFF L . 11.69 27.57 -11.80
C20 HFF L . 10.58 27.89 -9.62
C HFF L . 11.10 28.43 -10.92
O HFF L . 10.91 29.61 -11.19
N2 HFF L . 8.48 26.46 -8.60
C12 HFF L . 7.15 25.91 -8.37
C13 HFF L . 6.75 26.10 -6.96
C14 HFF L . 5.63 25.18 -6.53
C19 HFF L . 4.72 25.60 -5.57
C18 HFF L . 3.83 24.71 -4.97
C17 HFF L . 3.83 23.39 -5.36
S HFF L . 2.76 22.26 -4.51
O2 HFF L . 1.43 22.67 -4.79
N3 HFF L . 2.99 22.52 -2.93
O1 HFF L . 3.17 20.92 -4.87
C16 HFF L . 4.68 22.94 -6.36
C15 HFF L . 5.59 23.83 -6.93
#